data_2P18
#
_entry.id   2P18
#
_cell.length_a   66.705
_cell.length_b   88.989
_cell.length_c   85.864
_cell.angle_alpha   90.000
_cell.angle_beta   90.000
_cell.angle_gamma   90.000
#
_symmetry.space_group_name_H-M   'C 2 2 21'
#
loop_
_entity.id
_entity.type
_entity.pdbx_description
1 polymer 'Glyoxalase II'
2 non-polymer 'ZINC ION'
3 non-polymer SPERMIDINE
4 non-polymer 'ACETIC ACID'
5 water water
#
_entity_poly.entity_id   1
_entity_poly.type   'polypeptide(L)'
_entity_poly.pdbx_seq_one_letter_code
;HHHHHHSSGLVPRGSHMRNYCTKTFGSAFSVTVVPTLKDNFSYLINDHTTHTLAAVDVNADYKPILTYIEEHLKQQGNAD
VTYTFSTILSTHKHWDHSGGNAKLKAELEAMNSTVPVVVVGGANDSIPAVTKPVREGDRVQVGDLSVEVIDAPCHTRGHV
LYKVQHPQHPNDGVALFTGDTMFIAGIGAFFEGDEKDMCRAMEKVYHIHKGNDYALDKVTFIFPGHEYTSGFMTFSEKTF
PDRASDDLAFIQAQRAKYAAAVKTGDPSVPSSLAEEKRQNLFLRVADPAFVAKMNQGNAHALMMYLYNACD
;
_entity_poly.pdbx_strand_id   A
#
# COMPACT_ATOMS: atom_id res chain seq x y z
N MET A 17 3.49 2.94 21.81
CA MET A 17 4.86 2.42 21.48
C MET A 17 5.14 2.35 19.97
N ARG A 18 4.13 2.65 19.15
CA ARG A 18 4.29 2.62 17.70
C ARG A 18 4.83 3.95 17.16
N ASN A 19 5.94 3.88 16.45
CA ASN A 19 6.60 5.08 15.92
C ASN A 19 6.15 5.45 14.50
N TYR A 20 6.32 6.73 14.16
CA TYR A 20 6.24 7.15 12.75
C TYR A 20 7.58 6.81 12.07
N CYS A 21 7.53 6.76 10.73
CA CYS A 21 8.76 6.86 9.93
C CYS A 21 8.47 7.49 8.57
N THR A 22 9.52 8.03 7.94
CA THR A 22 9.37 8.72 6.65
C THR A 22 10.29 8.15 5.57
N LYS A 23 9.67 7.72 4.47
CA LYS A 23 10.41 7.30 3.26
C LYS A 23 10.42 8.47 2.27
N THR A 24 11.60 8.83 1.78
CA THR A 24 11.71 9.98 0.87
C THR A 24 12.12 9.54 -0.55
N PHE A 25 11.52 10.17 -1.55
CA PHE A 25 11.79 9.85 -2.95
C PHE A 25 12.57 11.00 -3.61
N GLY A 26 13.88 10.83 -3.75
CA GLY A 26 14.75 11.93 -4.21
C GLY A 26 14.46 13.23 -3.48
N SER A 27 14.34 14.33 -4.23
CA SER A 27 13.97 15.63 -3.68
C SER A 27 12.49 15.94 -3.98
N ALA A 28 11.78 14.95 -4.50
CA ALA A 28 10.47 15.16 -5.12
C ALA A 28 9.33 15.13 -4.10
N PHE A 29 9.29 14.05 -3.30
CA PHE A 29 8.23 13.90 -2.31
C PHE A 29 8.62 12.88 -1.26
N SER A 30 7.82 12.80 -0.19
CA SER A 30 8.05 11.80 0.84
C SER A 30 6.71 11.23 1.31
N VAL A 31 6.78 10.06 1.92
CA VAL A 31 5.58 9.43 2.49
C VAL A 31 5.86 9.10 3.95
N THR A 32 5.03 9.64 4.84
CA THR A 32 5.18 9.40 6.27
C THR A 32 4.23 8.28 6.69
N VAL A 33 4.81 7.25 7.31
CA VAL A 33 4.04 6.13 7.84
C VAL A 33 3.51 6.49 9.23
N VAL A 34 2.20 6.63 9.36
CA VAL A 34 1.57 7.07 10.62
C VAL A 34 0.80 5.90 11.26
N PRO A 35 1.31 5.31 12.35
CA PRO A 35 0.58 4.20 12.98
C PRO A 35 -0.73 4.70 13.59
N THR A 36 -1.84 4.05 13.27
CA THR A 36 -3.15 4.46 13.80
C THR A 36 -3.89 3.24 14.33
N LEU A 37 -4.86 3.48 15.22
CA LEU A 37 -5.63 2.39 15.84
C LEU A 37 -4.68 1.39 16.49
N LYS A 38 -4.90 0.09 16.31
CA LYS A 38 -4.08 -0.91 17.01
C LYS A 38 -2.91 -1.34 16.13
N ASP A 39 -3.22 -1.65 14.88
CA ASP A 39 -2.25 -2.13 13.92
C ASP A 39 -2.44 -1.56 12.51
N ASN A 40 -3.22 -0.48 12.38
CA ASN A 40 -3.44 0.18 11.08
C ASN A 40 -2.29 1.11 10.76
N PHE A 41 -2.12 1.37 9.46
CA PHE A 41 -1.28 2.45 8.98
C PHE A 41 -2.13 3.41 8.19
N SER A 42 -2.00 4.69 8.53
CA SER A 42 -2.44 5.79 7.68
C SER A 42 -1.15 6.42 7.14
N TYR A 43 -1.24 7.19 6.07
CA TYR A 43 -0.05 7.80 5.48
C TYR A 43 -0.25 9.27 5.17
N LEU A 44 0.84 10.04 5.24
CA LEU A 44 0.82 11.41 4.78
C LEU A 44 1.81 11.55 3.61
N ILE A 45 1.29 11.86 2.43
CA ILE A 45 2.10 12.20 1.25
C ILE A 45 2.43 13.69 1.31
N ASN A 46 3.70 14.01 1.06
CA ASN A 46 4.14 15.40 1.07
C ASN A 46 4.87 15.67 -0.24
N ASP A 47 4.25 16.47 -1.11
CA ASP A 47 4.91 16.95 -2.34
C ASP A 47 5.83 18.13 -2.00
N HIS A 48 7.14 17.90 -2.05
CA HIS A 48 8.14 18.91 -1.72
C HIS A 48 8.21 20.05 -2.73
N THR A 49 7.73 19.82 -3.95
CA THR A 49 7.91 20.80 -5.03
C THR A 49 6.84 21.90 -4.95
N THR A 50 5.71 21.61 -4.31
CA THR A 50 4.60 22.55 -4.17
C THR A 50 4.10 22.71 -2.71
N HIS A 51 4.68 21.93 -1.80
CA HIS A 51 4.22 21.88 -0.39
C HIS A 51 2.73 21.54 -0.30
N THR A 52 2.34 20.47 -0.99
CA THR A 52 0.98 19.97 -0.97
C THR A 52 0.99 18.67 -0.21
N LEU A 53 -0.02 18.48 0.66
CA LEU A 53 -0.13 17.30 1.51
C LEU A 53 -1.39 16.53 1.18
N ALA A 54 -1.28 15.21 1.26
CA ALA A 54 -2.44 14.32 1.11
C ALA A 54 -2.35 13.22 2.16
N ALA A 55 -3.49 12.79 2.69
CA ALA A 55 -3.53 11.70 3.64
C ALA A 55 -4.16 10.44 3.01
N VAL A 56 -3.66 9.27 3.38
CA VAL A 56 -4.19 8.01 2.88
C VAL A 56 -4.75 7.16 4.02
N ASP A 57 -5.98 6.66 3.84
CA ASP A 57 -6.60 5.71 4.81
C ASP A 57 -6.73 6.29 6.24
N VAL A 58 -7.50 7.38 6.29
CA VAL A 58 -7.78 8.11 7.50
C VAL A 58 -8.95 7.45 8.21
N ASN A 59 -8.67 6.98 9.42
CA ASN A 59 -9.70 6.36 10.26
C ASN A 59 -10.08 7.26 11.45
N ALA A 60 -10.79 6.70 12.42
CA ALA A 60 -11.26 7.46 13.58
C ALA A 60 -10.10 8.04 14.39
N ASP A 61 -8.95 7.38 14.32
CA ASP A 61 -7.74 7.82 15.02
C ASP A 61 -6.87 8.64 14.04
N TYR A 62 -7.32 9.84 13.69
CA TYR A 62 -6.62 10.65 12.69
C TYR A 62 -5.70 11.71 13.28
N LYS A 63 -5.84 11.97 14.58
CA LYS A 63 -5.07 13.02 15.24
C LYS A 63 -3.55 12.85 15.11
N PRO A 64 -3.04 11.58 15.12
CA PRO A 64 -1.61 11.39 14.91
C PRO A 64 -1.08 11.96 13.58
N ILE A 65 -1.90 12.04 12.54
CA ILE A 65 -1.53 12.67 11.28
C ILE A 65 -1.29 14.18 11.53
N LEU A 66 -2.24 14.81 12.21
CA LEU A 66 -2.14 16.21 12.59
C LEU A 66 -0.96 16.48 13.51
N THR A 67 -0.72 15.59 14.48
CA THR A 67 0.41 15.74 15.41
C THR A 67 1.73 15.76 14.63
N TYR A 68 1.83 14.88 13.64
CA TYR A 68 3.02 14.83 12.81
C TYR A 68 3.27 16.14 12.05
N ILE A 69 2.23 16.67 11.42
CA ILE A 69 2.29 17.96 10.70
C ILE A 69 2.69 19.15 11.57
N GLU A 70 2.40 19.08 12.87
CA GLU A 70 2.61 20.24 13.71
C GLU A 70 3.89 20.20 14.64
N GLU A 71 4.25 18.90 15.26
CA GLU A 71 5.91 18.79 15.12
C GLU A 71 6.70 19.02 13.79
N HIS A 72 6.45 18.17 12.74
CA HIS A 72 7.55 18.14 11.75
C HIS A 72 7.50 19.16 10.61
N LEU A 73 6.29 19.48 10.16
CA LEU A 73 6.15 20.40 9.04
C LEU A 73 5.89 21.82 9.54
N THR A 82 4.03 28.02 4.16
CA THR A 82 2.66 27.52 4.19
C THR A 82 2.52 26.24 3.30
N TYR A 83 1.80 25.25 3.86
CA TYR A 83 1.45 23.97 3.19
C TYR A 83 -0.05 23.95 2.81
N THR A 84 -0.39 23.14 1.77
CA THR A 84 -1.79 22.96 1.38
C THR A 84 -2.20 21.48 1.58
N PHE A 85 -3.16 21.25 2.45
CA PHE A 85 -3.59 19.89 2.74
C PHE A 85 -4.86 19.61 1.93
N SER A 86 -4.67 19.14 0.69
CA SER A 86 -5.71 19.21 -0.34
C SER A 86 -6.56 17.95 -0.54
N THR A 87 -5.99 16.78 -0.23
CA THR A 87 -6.57 15.51 -0.64
C THR A 87 -6.57 14.45 0.46
N ILE A 88 -7.67 13.70 0.54
CA ILE A 88 -7.71 12.46 1.31
C ILE A 88 -7.98 11.32 0.33
N LEU A 89 -7.22 10.22 0.42
CA LEU A 89 -7.45 9.05 -0.43
C LEU A 89 -7.75 7.82 0.38
N SER A 90 -8.80 7.09 0.01
CA SER A 90 -9.17 5.88 0.75
C SER A 90 -9.00 4.71 -0.16
N THR A 91 -8.24 3.71 0.29
CA THR A 91 -8.07 2.50 -0.54
C THR A 91 -9.34 1.65 -0.62
N HIS A 92 -10.13 1.68 0.45
CA HIS A 92 -11.37 0.90 0.53
C HIS A 92 -12.29 1.38 1.63
N LYS A 93 -13.53 0.87 1.63
CA LYS A 93 -14.62 1.43 2.48
C LYS A 93 -14.52 1.11 3.96
N HIS A 94 -13.75 0.07 4.32
CA HIS A 94 -13.77 -0.43 5.70
C HIS A 94 -13.47 0.72 6.65
N TRP A 95 -14.13 0.70 7.83
CA TRP A 95 -14.13 1.86 8.73
C TRP A 95 -12.74 2.20 9.20
N ASP A 96 -11.87 1.19 9.29
CA ASP A 96 -10.49 1.43 9.74
C ASP A 96 -9.63 2.09 8.67
N HIS A 97 -10.25 2.36 7.52
CA HIS A 97 -9.57 3.10 6.44
C HIS A 97 -10.34 4.33 5.98
N SER A 98 -11.63 4.44 6.31
CA SER A 98 -12.42 5.58 5.86
C SER A 98 -13.10 6.38 7.01
N GLY A 99 -13.07 5.81 8.22
CA GLY A 99 -13.82 6.36 9.37
C GLY A 99 -13.46 7.76 9.85
N GLY A 100 -12.41 8.33 9.27
CA GLY A 100 -11.99 9.69 9.61
C GLY A 100 -12.14 10.70 8.50
N ASN A 101 -12.58 10.23 7.32
CA ASN A 101 -12.74 11.13 6.13
C ASN A 101 -13.54 12.40 6.39
N ALA A 102 -14.79 12.23 6.82
CA ALA A 102 -15.70 13.34 7.10
C ALA A 102 -15.12 14.26 8.17
N LYS A 103 -14.59 13.68 9.24
CA LYS A 103 -14.09 14.48 10.39
C LYS A 103 -12.83 15.25 10.04
N LEU A 104 -11.88 14.59 9.39
CA LEU A 104 -10.65 15.25 8.98
C LEU A 104 -10.96 16.31 7.93
N LYS A 105 -11.82 16.00 6.97
CA LYS A 105 -12.22 17.02 5.98
C LYS A 105 -12.81 18.27 6.65
N ALA A 106 -13.67 18.08 7.65
CA ALA A 106 -14.28 19.20 8.37
C ALA A 106 -13.18 20.04 9.01
N GLU A 107 -12.18 19.36 9.59
CA GLU A 107 -11.14 20.04 10.38
C GLU A 107 -10.47 21.28 9.76
N LEU A 108 -10.43 21.42 8.43
CA LEU A 108 -9.33 21.03 7.54
C LEU A 108 -9.80 22.07 6.51
N GLU A 109 -11.12 22.04 6.29
CA GLU A 109 -11.88 23.14 5.66
C GLU A 109 -12.07 24.32 6.64
N ALA A 110 -12.21 24.01 7.93
CA ALA A 110 -12.30 25.03 8.98
C ALA A 110 -10.97 25.76 9.16
N MET A 111 -9.85 25.05 8.93
CA MET A 111 -8.53 25.69 9.05
C MET A 111 -7.92 26.11 7.70
N ASN A 112 -8.61 25.82 6.61
CA ASN A 112 -8.20 26.29 5.28
C ASN A 112 -9.37 26.78 4.41
N VAL A 115 -8.20 23.03 1.92
CA VAL A 115 -9.51 23.16 1.29
C VAL A 115 -9.44 24.05 0.03
N PRO A 116 -10.19 23.69 -1.04
CA PRO A 116 -11.20 22.62 -1.12
C PRO A 116 -10.60 21.22 -0.96
N VAL A 117 -11.12 20.46 0.00
CA VAL A 117 -10.57 19.15 0.33
C VAL A 117 -11.24 18.10 -0.54
N VAL A 118 -10.40 17.41 -1.31
CA VAL A 118 -10.88 16.41 -2.21
C VAL A 118 -10.75 15.05 -1.52
N VAL A 119 -11.82 14.26 -1.57
CA VAL A 119 -11.80 12.91 -1.01
C VAL A 119 -11.92 11.91 -2.14
N VAL A 120 -10.84 11.14 -2.34
CA VAL A 120 -10.76 10.16 -3.42
C VAL A 120 -11.08 8.73 -2.91
N GLY A 121 -11.91 8.02 -3.66
CA GLY A 121 -12.22 6.64 -3.31
C GLY A 121 -12.68 5.85 -4.51
N GLY A 122 -12.52 4.54 -4.44
CA GLY A 122 -12.99 3.66 -5.51
C GLY A 122 -14.48 3.84 -5.74
N ALA A 123 -14.88 4.04 -6.99
CA ALA A 123 -16.29 4.29 -7.33
C ALA A 123 -17.24 3.22 -6.81
N ASN A 124 -16.81 1.96 -6.78
CA ASN A 124 -17.70 0.85 -6.46
C ASN A 124 -17.70 0.48 -4.97
N ASP A 125 -16.97 1.23 -4.15
CA ASP A 125 -16.96 1.01 -2.71
C ASP A 125 -17.83 2.00 -1.94
N SER A 126 -18.41 3.00 -2.62
CA SER A 126 -19.27 4.01 -1.94
C SER A 126 -18.59 4.54 -0.67
N ILE A 127 -17.39 5.08 -0.81
CA ILE A 127 -16.58 5.41 0.35
C ILE A 127 -17.14 6.67 1.04
N PRO A 128 -17.29 6.64 2.38
CA PRO A 128 -17.75 7.82 3.13
C PRO A 128 -17.05 9.12 2.71
N ALA A 129 -17.87 10.12 2.37
CA ALA A 129 -17.43 11.51 2.11
C ALA A 129 -16.70 11.68 0.76
N VAL A 130 -16.72 10.64 -0.08
CA VAL A 130 -16.00 10.71 -1.38
C VAL A 130 -16.55 11.83 -2.28
N THR A 131 -15.63 12.59 -2.86
CA THR A 131 -15.97 13.64 -3.83
C THR A 131 -15.36 13.37 -5.20
N LYS A 132 -14.37 12.48 -5.24
N LYS A 132 -14.38 12.48 -5.24
CA LYS A 132 -13.72 12.03 -6.50
CA LYS A 132 -13.81 12.02 -6.51
C LYS A 132 -13.79 10.48 -6.62
C LYS A 132 -13.82 10.49 -6.59
N PRO A 133 -14.91 9.92 -7.14
CA PRO A 133 -14.94 8.46 -7.31
C PRO A 133 -13.97 8.10 -8.43
N VAL A 134 -13.17 7.06 -8.24
CA VAL A 134 -12.18 6.65 -9.26
C VAL A 134 -12.28 5.18 -9.69
N ARG A 135 -11.77 4.94 -10.90
CA ARG A 135 -11.76 3.64 -11.55
C ARG A 135 -10.40 3.47 -12.22
N GLU A 136 -10.11 2.24 -12.63
CA GLU A 136 -8.80 1.89 -13.20
C GLU A 136 -8.36 2.90 -14.25
N GLY A 137 -7.12 3.36 -14.14
CA GLY A 137 -6.56 4.27 -15.15
C GLY A 137 -6.77 5.75 -14.83
N ASP A 138 -7.71 6.04 -13.92
CA ASP A 138 -7.90 7.43 -13.48
C ASP A 138 -6.63 7.96 -12.83
N ARG A 139 -6.38 9.25 -12.96
CA ARG A 139 -5.30 9.89 -12.22
CA ARG A 139 -5.30 9.88 -12.22
C ARG A 139 -5.84 11.15 -11.52
N VAL A 140 -5.27 11.46 -10.37
CA VAL A 140 -5.55 12.73 -9.72
C VAL A 140 -4.19 13.31 -9.34
N GLN A 141 -4.13 14.64 -9.24
CA GLN A 141 -2.91 15.32 -8.87
C GLN A 141 -2.95 15.60 -7.39
N VAL A 142 -1.79 15.45 -6.75
CA VAL A 142 -1.55 15.96 -5.41
C VAL A 142 -0.35 16.90 -5.58
N GLY A 143 -0.61 18.19 -5.69
CA GLY A 143 0.41 19.13 -6.09
C GLY A 143 0.88 18.79 -7.49
N ASP A 144 2.18 18.56 -7.66
CA ASP A 144 2.71 18.13 -8.96
C ASP A 144 2.81 16.62 -9.09
N LEU A 145 2.45 15.88 -8.02
CA LEU A 145 2.51 14.42 -8.06
C LEU A 145 1.32 13.85 -8.78
N SER A 146 1.54 12.75 -9.49
CA SER A 146 0.44 12.02 -10.08
C SER A 146 0.07 10.82 -9.20
N VAL A 147 -1.23 10.61 -9.08
CA VAL A 147 -1.77 9.48 -8.34
C VAL A 147 -2.58 8.67 -9.34
N GLU A 148 -2.05 7.53 -9.72
CA GLU A 148 -2.71 6.63 -10.66
C GLU A 148 -3.48 5.55 -9.92
N VAL A 149 -4.68 5.25 -10.40
CA VAL A 149 -5.60 4.33 -9.74
C VAL A 149 -5.57 2.96 -10.39
N ILE A 150 -5.45 1.92 -9.57
CA ILE A 150 -5.49 0.52 -10.07
C ILE A 150 -6.68 -0.19 -9.42
N ASP A 151 -7.60 -0.76 -10.21
CA ASP A 151 -8.72 -1.48 -9.59
C ASP A 151 -8.21 -2.81 -9.04
N ALA A 152 -8.56 -3.10 -7.77
CA ALA A 152 -8.17 -4.39 -7.18
C ALA A 152 -9.29 -4.98 -6.33
N PRO A 153 -10.45 -5.26 -6.94
CA PRO A 153 -11.56 -5.78 -6.14
C PRO A 153 -11.19 -7.17 -5.62
N CYS A 154 -11.48 -7.41 -4.35
CA CYS A 154 -11.40 -8.74 -3.72
C CYS A 154 -11.74 -8.59 -2.24
N HIS A 155 -10.87 -7.89 -1.52
CA HIS A 155 -11.06 -7.69 -0.08
C HIS A 155 -12.36 -6.88 0.13
N THR A 156 -12.55 -5.84 -0.70
CA THR A 156 -13.87 -5.26 -0.91
C THR A 156 -14.08 -5.21 -2.42
N ARG A 157 -15.33 -5.12 -2.84
CA ARG A 157 -15.68 -5.10 -4.26
C ARG A 157 -15.15 -3.86 -4.97
N GLY A 158 -14.87 -2.79 -4.22
CA GLY A 158 -14.42 -1.53 -4.81
C GLY A 158 -13.03 -1.08 -4.37
N HIS A 159 -12.25 -1.97 -3.77
CA HIS A 159 -10.87 -1.67 -3.34
C HIS A 159 -10.03 -1.23 -4.54
N VAL A 160 -9.22 -0.18 -4.33
CA VAL A 160 -8.27 0.27 -5.35
C VAL A 160 -6.87 0.32 -4.71
N LEU A 161 -5.86 0.50 -5.55
CA LEU A 161 -4.48 0.76 -5.10
C LEU A 161 -4.11 2.12 -5.68
N TYR A 162 -3.27 2.86 -4.97
CA TYR A 162 -2.84 4.18 -5.45
C TYR A 162 -1.35 4.12 -5.76
N LYS A 163 -1.00 4.46 -7.00
CA LYS A 163 0.38 4.47 -7.46
C LYS A 163 0.81 5.94 -7.62
N VAL A 164 1.74 6.38 -6.77
CA VAL A 164 2.07 7.80 -6.65
C VAL A 164 3.51 8.03 -7.08
N GLN A 165 3.69 9.00 -7.96
CA GLN A 165 5.04 9.39 -8.32
C GLN A 165 5.12 10.82 -8.87
N HIS A 166 6.33 11.31 -9.04
CA HIS A 166 6.49 12.63 -9.64
C HIS A 166 6.79 12.45 -11.13
N PRO A 167 5.86 12.91 -12.00
CA PRO A 167 5.98 12.86 -13.47
C PRO A 167 7.29 13.43 -14.01
N GLN A 168 7.84 14.43 -13.32
CA GLN A 168 9.10 15.06 -13.76
C GLN A 168 10.32 14.40 -13.14
N HIS A 169 10.08 13.50 -12.18
CA HIS A 169 11.18 12.80 -11.51
C HIS A 169 10.87 11.29 -11.39
N PRO A 170 10.58 10.62 -12.53
CA PRO A 170 10.03 9.28 -12.46
C PRO A 170 11.00 8.29 -11.79
N ASN A 171 12.30 8.46 -12.03
CA ASN A 171 13.32 7.58 -11.44
C ASN A 171 13.56 7.73 -9.93
N ASP A 172 12.98 8.76 -9.31
CA ASP A 172 13.09 8.95 -7.85
C ASP A 172 12.22 7.93 -7.13
N GLY A 173 11.33 7.28 -7.88
CA GLY A 173 10.57 6.16 -7.36
C GLY A 173 9.07 6.36 -7.30
N VAL A 174 8.42 5.33 -6.75
CA VAL A 174 6.98 5.22 -6.75
C VAL A 174 6.52 4.74 -5.37
N ALA A 175 5.48 5.35 -4.84
CA ALA A 175 4.81 4.88 -3.64
C ALA A 175 3.53 4.15 -4.03
N LEU A 176 3.40 2.91 -3.59
CA LEU A 176 2.21 2.13 -3.95
C LEU A 176 1.41 1.83 -2.68
N PHE A 177 0.23 2.42 -2.59
CA PHE A 177 -0.64 2.25 -1.42
C PHE A 177 -1.59 1.10 -1.73
N THR A 178 -1.43 0.01 -0.99
CA THR A 178 -2.10 -1.24 -1.35
C THR A 178 -3.26 -1.60 -0.39
N GLY A 179 -3.50 -0.77 0.62
CA GLY A 179 -4.60 -1.03 1.56
C GLY A 179 -4.55 -2.44 2.11
N ASP A 180 -5.68 -3.13 2.04
CA ASP A 180 -5.78 -4.47 2.57
C ASP A 180 -5.76 -5.51 1.46
N THR A 181 -5.25 -5.11 0.29
CA THR A 181 -5.09 -6.08 -0.81
C THR A 181 -3.80 -6.85 -0.66
N MET A 182 -2.72 -6.13 -0.37
CA MET A 182 -1.42 -6.75 -0.27
C MET A 182 -0.73 -6.14 0.93
N PHE A 183 -0.11 -7.00 1.73
CA PHE A 183 0.70 -6.58 2.87
C PHE A 183 2.11 -7.00 2.56
N ILE A 184 3.07 -6.70 3.46
CA ILE A 184 4.38 -7.29 3.27
C ILE A 184 4.25 -8.82 3.44
N ALA A 185 4.62 -9.53 2.37
CA ALA A 185 4.55 -11.00 2.29
C ALA A 185 3.13 -11.57 2.43
N GLY A 186 2.12 -10.70 2.29
CA GLY A 186 0.76 -11.15 2.51
C GLY A 186 -0.30 -10.50 1.64
N ILE A 187 -1.53 -10.96 1.86
CA ILE A 187 -2.74 -10.48 1.16
C ILE A 187 -3.88 -10.38 2.17
N GLY A 188 -4.91 -9.61 1.80
CA GLY A 188 -6.07 -9.44 2.68
C GLY A 188 -7.04 -10.58 2.54
N ALA A 189 -7.92 -10.68 3.52
CA ALA A 189 -9.00 -11.69 3.45
C ALA A 189 -9.97 -11.34 2.31
N PHE A 190 -10.52 -12.37 1.66
CA PHE A 190 -11.34 -12.19 0.47
C PHE A 190 -12.79 -11.92 0.84
N PHE A 191 -13.05 -10.85 1.59
CA PHE A 191 -14.41 -10.61 2.12
C PHE A 191 -15.48 -10.51 1.06
N GLU A 192 -15.12 -9.88 -0.06
CA GLU A 192 -16.11 -9.59 -1.10
C GLU A 192 -15.63 -10.07 -2.46
N GLY A 193 -14.96 -11.22 -2.48
CA GLY A 193 -14.41 -11.72 -3.73
C GLY A 193 -13.76 -13.06 -3.53
N ASP A 194 -12.87 -13.45 -4.44
CA ASP A 194 -12.33 -14.82 -4.41
C ASP A 194 -10.90 -14.88 -4.90
N GLU A 195 -10.38 -16.10 -5.06
CA GLU A 195 -8.96 -16.27 -5.36
C GLU A 195 -8.63 -15.75 -6.77
N LYS A 196 -9.61 -15.82 -7.67
CA LYS A 196 -9.42 -15.29 -9.04
C LYS A 196 -9.21 -13.80 -8.98
N ASP A 197 -10.03 -13.11 -8.15
CA ASP A 197 -9.87 -11.69 -7.96
C ASP A 197 -8.47 -11.38 -7.43
N MET A 198 -8.00 -12.16 -6.45
CA MET A 198 -6.70 -11.89 -5.89
C MET A 198 -5.58 -12.17 -6.88
N CYS A 199 -5.71 -13.23 -7.67
CA CYS A 199 -4.72 -13.53 -8.72
C CYS A 199 -4.58 -12.33 -9.65
N ARG A 200 -5.72 -11.75 -10.02
CA ARG A 200 -5.75 -10.62 -10.94
C ARG A 200 -5.06 -9.41 -10.32
N ALA A 201 -5.33 -9.17 -9.04
CA ALA A 201 -4.67 -8.08 -8.33
C ALA A 201 -3.16 -8.28 -8.27
N MET A 202 -2.72 -9.52 -7.99
CA MET A 202 -1.29 -9.80 -7.91
C MET A 202 -0.61 -9.63 -9.26
N GLU A 203 -1.28 -10.03 -10.32
CA GLU A 203 -0.76 -9.81 -11.68
C GLU A 203 -0.59 -8.30 -12.01
N LYS A 204 -1.55 -7.50 -11.60
CA LYS A 204 -1.49 -6.05 -11.82
C LYS A 204 -0.29 -5.45 -11.08
N VAL A 205 -0.13 -5.84 -9.82
CA VAL A 205 0.99 -5.33 -9.01
C VAL A 205 2.33 -5.81 -9.61
N TYR A 206 2.42 -7.10 -9.92
CA TYR A 206 3.66 -7.69 -10.43
C TYR A 206 4.15 -6.95 -11.68
N HIS A 207 3.22 -6.54 -12.56
CA HIS A 207 3.58 -6.03 -13.89
C HIS A 207 3.44 -4.50 -14.00
N ILE A 208 3.29 -3.82 -12.87
CA ILE A 208 3.25 -2.35 -12.87
C ILE A 208 4.32 -1.74 -13.79
N HIS A 209 5.54 -2.25 -13.70
CA HIS A 209 6.67 -1.65 -14.39
C HIS A 209 7.15 -2.44 -15.60
N LYS A 210 6.26 -3.25 -16.15
CA LYS A 210 6.58 -4.01 -17.36
C LYS A 210 7.08 -3.08 -18.50
N GLY A 211 6.50 -1.88 -18.56
CA GLY A 211 6.84 -0.88 -19.56
C GLY A 211 8.27 -0.38 -19.50
N ASN A 212 8.89 -0.44 -18.32
CA ASN A 212 10.29 -0.04 -18.17
C ASN A 212 11.21 -1.22 -17.84
N ASP A 213 10.79 -2.41 -18.28
CA ASP A 213 11.53 -3.66 -18.02
C ASP A 213 11.83 -3.82 -16.53
N TYR A 214 10.85 -3.46 -15.70
CA TYR A 214 10.88 -3.58 -14.24
C TYR A 214 12.07 -2.86 -13.59
N ALA A 215 12.67 -1.89 -14.29
CA ALA A 215 13.74 -1.06 -13.68
C ALA A 215 13.29 -0.33 -12.40
N LEU A 216 12.04 0.09 -12.37
CA LEU A 216 11.54 0.85 -11.21
C LEU A 216 11.06 -0.02 -10.04
N ASP A 217 11.08 -1.34 -10.22
CA ASP A 217 10.69 -2.25 -9.13
C ASP A 217 11.49 -1.94 -7.85
N LYS A 218 12.79 -1.69 -8.01
CA LYS A 218 13.66 -1.49 -6.85
C LYS A 218 13.46 -0.17 -6.11
N VAL A 219 12.80 0.78 -6.77
CA VAL A 219 12.42 2.05 -6.14
C VAL A 219 10.88 2.26 -6.02
N THR A 220 10.13 1.16 -6.04
CA THR A 220 8.71 1.20 -5.80
C THR A 220 8.50 0.63 -4.41
N PHE A 221 7.88 1.42 -3.55
CA PHE A 221 7.73 1.06 -2.15
C PHE A 221 6.29 0.81 -1.77
N ILE A 222 6.08 -0.25 -1.00
CA ILE A 222 4.75 -0.81 -0.73
C ILE A 222 4.28 -0.31 0.66
N PHE A 223 3.15 0.40 0.69
CA PHE A 223 2.60 1.00 1.91
C PHE A 223 1.22 0.39 2.10
N PRO A 224 1.15 -0.68 2.92
CA PRO A 224 -0.09 -1.43 3.07
C PRO A 224 -0.94 -0.97 4.27
N GLY A 225 -2.08 -1.61 4.48
CA GLY A 225 -3.05 -1.14 5.45
C GLY A 225 -2.74 -1.44 6.90
N HIS A 226 -1.98 -2.51 7.15
CA HIS A 226 -1.78 -3.01 8.53
C HIS A 226 -0.37 -3.55 8.77
N GLU A 227 0.01 -3.55 10.04
CA GLU A 227 1.23 -4.19 10.53
C GLU A 227 0.98 -5.69 10.72
N TYR A 228 0.92 -6.43 9.60
CA TYR A 228 0.73 -7.89 9.61
C TYR A 228 2.01 -8.63 9.14
N THR A 229 3.09 -7.88 8.98
CA THR A 229 4.33 -8.38 8.40
C THR A 229 4.87 -9.63 9.14
N SER A 230 4.96 -9.59 10.47
CA SER A 230 5.47 -10.72 11.26
C SER A 230 4.84 -12.05 10.88
N GLY A 231 3.51 -12.09 10.89
CA GLY A 231 2.80 -13.34 10.69
C GLY A 231 2.97 -13.84 9.27
N PHE A 232 2.95 -12.93 8.31
CA PHE A 232 3.13 -13.32 6.91
C PHE A 232 4.56 -13.77 6.60
N MET A 233 5.55 -13.14 7.23
CA MET A 233 6.95 -13.51 6.98
C MET A 233 7.27 -14.89 7.58
N THR A 234 6.62 -15.23 8.69
CA THR A 234 6.74 -16.57 9.26
C THR A 234 6.16 -17.58 8.28
N PHE A 235 4.99 -17.26 7.73
CA PHE A 235 4.35 -18.03 6.67
C PHE A 235 5.28 -18.25 5.46
N SER A 236 5.88 -17.18 4.92
CA SER A 236 6.82 -17.30 3.78
C SER A 236 8.01 -18.21 4.12
N GLU A 237 8.58 -18.04 5.31
CA GLU A 237 9.73 -18.85 5.73
C GLU A 237 9.37 -20.34 5.79
N LYS A 238 8.20 -20.67 6.34
CA LYS A 238 7.75 -22.07 6.45
C LYS A 238 7.37 -22.70 5.10
N THR A 239 6.81 -21.88 4.21
CA THR A 239 6.12 -22.39 3.03
C THR A 239 7.00 -22.34 1.77
N PHE A 240 8.05 -21.53 1.78
CA PHE A 240 8.86 -21.41 0.56
C PHE A 240 9.31 -22.83 0.10
N PRO A 241 9.03 -23.19 -1.16
CA PRO A 241 9.15 -24.58 -1.60
C PRO A 241 10.57 -25.05 -1.88
N ASP A 242 11.50 -24.12 -2.07
CA ASP A 242 12.81 -24.45 -2.60
C ASP A 242 13.92 -24.09 -1.61
N ARG A 243 14.32 -25.09 -0.84
CA ARG A 243 15.26 -24.86 0.25
C ARG A 243 16.71 -24.67 -0.24
N ALA A 244 16.94 -24.93 -1.54
CA ALA A 244 18.27 -24.69 -2.15
C ALA A 244 18.46 -23.23 -2.61
N SER A 245 17.38 -22.45 -2.69
CA SER A 245 17.48 -21.09 -3.20
C SER A 245 17.90 -20.11 -2.12
N ASP A 246 18.67 -19.07 -2.47
CA ASP A 246 18.98 -18.01 -1.50
C ASP A 246 17.77 -17.13 -1.16
N ASP A 247 16.66 -17.30 -1.87
CA ASP A 247 15.39 -16.64 -1.46
C ASP A 247 14.96 -17.05 -0.05
N LEU A 248 15.24 -18.30 0.32
CA LEU A 248 14.97 -18.73 1.69
C LEU A 248 15.83 -17.93 2.71
N ALA A 249 17.15 -17.89 2.49
CA ALA A 249 18.05 -17.09 3.32
C ALA A 249 17.61 -15.61 3.37
N PHE A 250 17.13 -15.11 2.24
CA PHE A 250 16.64 -13.74 2.13
C PHE A 250 15.38 -13.50 3.00
N ILE A 251 14.40 -14.39 2.87
CA ILE A 251 13.20 -14.35 3.69
C ILE A 251 13.57 -14.37 5.18
N GLN A 252 14.52 -15.22 5.56
CA GLN A 252 14.93 -15.33 6.98
C GLN A 252 15.56 -14.05 7.51
N ALA A 253 16.45 -13.45 6.71
CA ALA A 253 17.09 -12.17 7.04
C ALA A 253 16.07 -11.03 7.13
N GLN A 254 15.12 -11.02 6.19
CA GLN A 254 14.10 -9.98 6.10
C GLN A 254 13.17 -10.07 7.31
N ARG A 255 12.84 -11.31 7.67
CA ARG A 255 11.95 -11.56 8.80
C ARG A 255 12.56 -11.00 10.09
N ALA A 256 13.85 -11.28 10.31
CA ALA A 256 14.54 -10.80 11.48
C ALA A 256 14.60 -9.27 11.47
N LYS A 257 14.81 -8.70 10.27
CA LYS A 257 14.91 -7.25 10.12
C LYS A 257 13.59 -6.57 10.46
N TYR A 258 12.50 -7.09 9.93
CA TYR A 258 11.19 -6.55 10.24
C TYR A 258 10.85 -6.73 11.73
N ALA A 259 11.20 -7.89 12.30
CA ALA A 259 10.96 -8.12 13.73
C ALA A 259 11.70 -7.13 14.61
N ALA A 260 12.95 -6.83 14.26
CA ALA A 260 13.75 -5.87 14.99
C ALA A 260 13.13 -4.48 14.92
N ALA A 261 12.67 -4.10 13.72
CA ALA A 261 11.96 -2.82 13.54
C ALA A 261 10.79 -2.74 14.51
N VAL A 262 9.92 -3.77 14.44
CA VAL A 262 8.71 -3.84 15.26
C VAL A 262 9.05 -3.82 16.75
N LYS A 263 10.13 -4.50 17.12
CA LYS A 263 10.61 -4.47 18.50
C LYS A 263 10.90 -3.08 19.07
N THR A 264 11.41 -2.16 18.25
CA THR A 264 11.72 -0.81 18.75
C THR A 264 10.56 0.17 18.51
N GLY A 265 9.43 -0.36 18.03
CA GLY A 265 8.25 0.44 17.74
C GLY A 265 8.19 0.94 16.31
N ASP A 266 9.23 0.65 15.53
CA ASP A 266 9.28 1.13 14.13
C ASP A 266 8.35 0.31 13.23
N PRO A 267 7.77 0.96 12.22
CA PRO A 267 6.97 0.19 11.28
C PRO A 267 7.88 -0.79 10.53
N SER A 268 7.35 -1.96 10.21
CA SER A 268 8.02 -2.87 9.30
C SER A 268 8.01 -2.32 7.87
N VAL A 269 7.12 -1.39 7.58
CA VAL A 269 6.89 -0.90 6.20
C VAL A 269 7.71 0.37 5.93
N PRO A 270 8.05 0.65 4.65
CA PRO A 270 7.73 -0.08 3.43
C PRO A 270 8.78 -1.11 3.02
N SER A 271 8.37 -2.11 2.25
CA SER A 271 9.30 -2.95 1.50
C SER A 271 9.27 -2.41 0.05
N SER A 272 10.22 -2.84 -0.77
CA SER A 272 10.20 -2.49 -2.21
C SER A 272 9.46 -3.59 -2.98
N LEU A 273 9.00 -3.29 -4.18
CA LEU A 273 8.34 -4.29 -5.01
C LEU A 273 9.34 -5.41 -5.40
N ALA A 274 10.59 -5.01 -5.65
CA ALA A 274 11.72 -5.96 -5.88
C ALA A 274 11.81 -6.99 -4.74
N GLU A 275 11.73 -6.51 -3.52
CA GLU A 275 11.71 -7.38 -2.34
C GLU A 275 10.48 -8.27 -2.25
N GLU A 276 9.32 -7.70 -2.49
CA GLU A 276 8.06 -8.47 -2.43
C GLU A 276 8.07 -9.61 -3.44
N LYS A 277 8.69 -9.36 -4.60
CA LYS A 277 8.79 -10.39 -5.63
C LYS A 277 9.61 -11.60 -5.20
N ARG A 278 10.38 -11.44 -4.12
CA ARG A 278 11.07 -12.57 -3.55
C ARG A 278 10.33 -13.14 -2.36
N GLN A 279 9.87 -12.26 -1.46
CA GLN A 279 9.38 -12.73 -0.13
C GLN A 279 7.86 -12.95 -0.05
N ASN A 280 7.12 -12.48 -1.04
CA ASN A 280 5.66 -12.56 -1.00
C ASN A 280 5.17 -13.66 -1.91
N LEU A 281 4.82 -14.80 -1.30
CA LEU A 281 4.46 -15.97 -2.07
C LEU A 281 3.16 -15.75 -2.83
N PHE A 282 2.27 -14.92 -2.30
CA PHE A 282 1.00 -14.63 -3.00
C PHE A 282 1.26 -13.82 -4.25
N LEU A 283 2.12 -12.81 -4.15
CA LEU A 283 2.50 -12.01 -5.32
C LEU A 283 3.17 -12.90 -6.37
N ARG A 284 3.96 -13.88 -5.91
CA ARG A 284 4.71 -14.73 -6.83
C ARG A 284 3.81 -15.68 -7.63
N VAL A 285 2.53 -15.81 -7.23
CA VAL A 285 1.56 -16.53 -8.08
C VAL A 285 1.52 -15.93 -9.50
N ALA A 286 1.91 -14.67 -9.65
CA ALA A 286 1.94 -14.01 -10.96
C ALA A 286 3.15 -14.44 -11.82
N ASP A 287 4.04 -15.25 -11.23
CA ASP A 287 5.20 -15.77 -11.95
C ASP A 287 4.93 -17.23 -12.34
N PRO A 288 4.73 -17.51 -13.63
CA PRO A 288 4.39 -18.88 -14.06
C PRO A 288 5.41 -19.94 -13.60
N ALA A 289 6.68 -19.55 -13.53
CA ALA A 289 7.73 -20.46 -13.05
C ALA A 289 7.58 -20.82 -11.59
N PHE A 290 7.12 -19.86 -10.80
CA PHE A 290 6.86 -20.12 -9.40
C PHE A 290 5.62 -21.02 -9.23
N VAL A 291 4.59 -20.78 -10.06
CA VAL A 291 3.38 -21.62 -10.02
C VAL A 291 3.81 -23.06 -10.28
N ALA A 292 4.60 -23.28 -11.34
CA ALA A 292 5.10 -24.61 -11.66
C ALA A 292 5.88 -25.25 -10.50
N LYS A 293 6.76 -24.46 -9.90
CA LYS A 293 7.62 -24.92 -8.78
C LYS A 293 6.82 -25.39 -7.55
N MET A 294 5.80 -24.63 -7.20
CA MET A 294 4.93 -24.95 -6.07
C MET A 294 4.19 -26.26 -6.25
N ASN A 295 3.87 -26.60 -7.50
CA ASN A 295 3.24 -27.88 -7.87
C ASN A 295 1.94 -28.12 -7.10
N GLN A 296 1.15 -27.07 -6.95
CA GLN A 296 -0.14 -27.19 -6.30
C GLN A 296 -1.30 -26.92 -7.27
N GLY A 297 -1.08 -27.23 -8.54
CA GLY A 297 -2.07 -26.96 -9.58
C GLY A 297 -1.80 -25.65 -10.30
N ASN A 298 -2.80 -25.11 -10.97
CA ASN A 298 -2.63 -23.85 -11.69
C ASN A 298 -2.63 -22.65 -10.72
N ALA A 299 -2.51 -21.43 -11.25
CA ALA A 299 -2.38 -20.24 -10.38
C ALA A 299 -3.57 -20.08 -9.43
N HIS A 300 -4.79 -20.33 -9.92
CA HIS A 300 -5.97 -20.25 -9.06
C HIS A 300 -5.90 -21.26 -7.91
N ALA A 301 -5.54 -22.50 -8.26
CA ALA A 301 -5.40 -23.59 -7.29
C ALA A 301 -4.33 -23.24 -6.27
N LEU A 302 -3.22 -22.66 -6.75
CA LEU A 302 -2.14 -22.26 -5.90
C LEU A 302 -2.54 -21.15 -4.94
N MET A 303 -3.27 -20.16 -5.44
CA MET A 303 -3.72 -19.07 -4.59
C MET A 303 -4.62 -19.65 -3.48
N MET A 304 -5.46 -20.61 -3.84
CA MET A 304 -6.38 -21.26 -2.89
C MET A 304 -5.56 -22.01 -1.85
N TYR A 305 -4.55 -22.75 -2.32
CA TYR A 305 -3.65 -23.47 -1.42
C TYR A 305 -2.97 -22.52 -0.42
N LEU A 306 -2.48 -21.38 -0.91
CA LEU A 306 -1.73 -20.48 -0.03
C LEU A 306 -2.67 -19.78 0.95
N TYR A 307 -3.86 -19.42 0.46
CA TYR A 307 -4.88 -18.76 1.27
C TYR A 307 -5.31 -19.66 2.46
N ASN A 308 -5.32 -20.97 2.26
CA ASN A 308 -6.02 -21.92 3.17
C ASN A 308 -5.54 -22.61 4.49
N ALA A 309 -4.27 -22.89 4.86
CA ALA A 309 -2.96 -22.38 4.39
C ALA A 309 -2.54 -21.06 5.02
#